data_3HNA
#
_entry.id   3HNA
#
_cell.length_a   83.526
_cell.length_b   83.372
_cell.length_c   95.130
_cell.angle_alpha   90.00
_cell.angle_beta   90.00
_cell.angle_gamma   90.00
#
_symmetry.space_group_name_H-M   'P 21 21 21'
#
loop_
_entity.id
_entity.type
_entity.pdbx_description
1 polymer 'Histone-lysine N-methyltransferase, H3 lysine-9 specific 5'
2 polymer 'Mono-Methylated H3K9 Peptide'
3 non-polymer S-ADENOSYL-L-HOMOCYSTEINE
4 non-polymer 'ZINC ION'
5 water water
#
loop_
_entity_poly.entity_id
_entity_poly.type
_entity_poly.pdbx_seq_one_letter_code
_entity_poly.pdbx_strand_id
1 'polypeptide(L)'
;GSNSQVWSALQMSKALQDSAPDRPSPVERIVSRDIARGYERIPIPCVNAVDSEPCPSNYKYVSQNCVTSPMNIDRNITHL
QYCVCIDDCSSSNCMCGQLSMRCWYDKDGRLLPEFNMAEPPLIFECNHACSCWRNCRNRVVQNGLRARLQLYRTRDMGWG
VRSLQDIPPGTFVCEYVGELISDSEADVREEDSYLFDLDNKDGEVYCIDARFYGNVSRFINHHCEPNLVPVRVFMAHQDL
RFPRIAFFSTRLIEAGEQLGFDYGERFWDIKGKLFSCRCGSPKCRHS
;
A,B
2 'polypeptide(L)' ARTKQTAR(MLZ)ST P,Q
#
# COMPACT_ATOMS: atom_id res chain seq x y z
N GLY A 1 22.90 16.87 -6.63
CA GLY A 1 21.67 16.94 -7.47
C GLY A 1 20.49 16.49 -6.67
N SER A 2 19.37 16.28 -7.37
CA SER A 2 18.12 15.86 -6.73
C SER A 2 18.26 14.54 -5.95
N ASN A 3 19.17 13.68 -6.41
CA ASN A 3 19.30 12.33 -5.88
C ASN A 3 20.57 12.06 -5.08
N SER A 4 21.57 12.93 -5.22
CA SER A 4 22.90 12.67 -4.65
C SER A 4 22.88 12.37 -3.14
N GLN A 5 22.16 13.20 -2.40
CA GLN A 5 22.08 13.02 -0.95
C GLN A 5 21.06 11.96 -0.55
N VAL A 6 20.07 11.72 -1.41
CA VAL A 6 19.11 10.64 -1.16
C VAL A 6 19.85 9.31 -1.25
N TRP A 7 20.63 9.14 -2.31
CA TRP A 7 21.47 7.98 -2.50
C TRP A 7 22.42 7.77 -1.32
N SER A 8 23.08 8.84 -0.88
CA SER A 8 23.99 8.76 0.26
C SER A 8 23.27 8.23 1.50
N ALA A 9 22.05 8.70 1.75
CA ALA A 9 21.24 8.23 2.87
C ALA A 9 20.90 6.75 2.74
N LEU A 10 20.49 6.35 1.55
CA LEU A 10 20.20 4.94 1.25
C LEU A 10 21.41 4.04 1.48
N GLN A 11 22.60 4.52 1.11
CA GLN A 11 23.82 3.73 1.25
C GLN A 11 24.26 3.66 2.71
N MET A 12 24.10 4.75 3.52
CA MET A 12 24.39 4.74 4.96
C MET A 12 23.43 3.78 5.66
N SER A 13 22.17 3.76 5.29
CA SER A 13 21.25 2.78 5.86
C SER A 13 21.64 1.35 5.53
N LYS A 14 22.06 1.11 4.28
CA LYS A 14 22.49 -0.22 3.85
C LYS A 14 23.74 -0.66 4.61
N ALA A 15 24.68 0.26 4.84
CA ALA A 15 25.92 -0.05 5.55
C ALA A 15 25.70 -0.36 7.04
N LEU A 16 24.72 0.30 7.64
CA LEU A 16 24.44 0.15 9.06
C LEU A 16 23.64 -1.10 9.32
N PRO A 24 14.63 42.62 4.20
CA PRO A 24 15.64 42.60 3.14
C PRO A 24 15.87 41.16 2.68
N SER A 25 14.82 40.35 2.75
CA SER A 25 14.91 38.92 2.50
C SER A 25 14.75 38.59 1.03
N PRO A 26 15.19 37.39 0.61
CA PRO A 26 15.03 37.00 -0.78
C PRO A 26 13.56 36.76 -1.14
N VAL A 27 13.25 36.90 -2.42
CA VAL A 27 11.97 36.46 -2.95
C VAL A 27 11.91 34.94 -2.73
N GLU A 28 10.75 34.44 -2.33
CA GLU A 28 10.59 33.02 -2.10
C GLU A 28 10.89 32.24 -3.37
N ARG A 29 11.74 31.21 -3.22
CA ARG A 29 12.12 30.33 -4.33
C ARG A 29 11.44 28.99 -4.16
N ILE A 30 10.93 28.43 -5.25
CA ILE A 30 10.45 27.05 -5.23
C ILE A 30 11.69 26.16 -5.44
N VAL A 31 12.00 25.34 -4.43
CA VAL A 31 13.16 24.44 -4.52
C VAL A 31 12.78 22.99 -4.80
N SER A 32 11.48 22.68 -4.70
CA SER A 32 10.93 21.44 -5.24
C SER A 32 9.44 21.62 -5.46
N ARG A 33 8.94 21.11 -6.59
CA ARG A 33 7.50 21.14 -6.83
C ARG A 33 6.80 20.08 -5.98
N ASP A 34 7.54 19.05 -5.56
CA ASP A 34 6.93 17.96 -4.81
C ASP A 34 7.97 17.06 -4.18
N ILE A 35 8.14 17.19 -2.86
CA ILE A 35 9.14 16.38 -2.16
C ILE A 35 8.80 14.88 -2.17
N ALA A 36 7.52 14.59 -2.43
CA ALA A 36 7.03 13.22 -2.44
C ALA A 36 7.11 12.56 -3.83
N ARG A 37 7.55 13.30 -4.84
CA ARG A 37 7.73 12.78 -6.21
C ARG A 37 6.48 12.06 -6.74
N GLY A 38 5.29 12.59 -6.42
CA GLY A 38 4.05 12.01 -6.93
C GLY A 38 3.43 10.93 -6.07
N TYR A 39 4.05 10.59 -4.93
CA TYR A 39 3.55 9.48 -4.11
C TYR A 39 2.38 9.83 -3.19
N GLU A 40 2.11 11.12 -2.99
CA GLU A 40 0.96 11.54 -2.20
C GLU A 40 -0.17 11.97 -3.13
N ARG A 41 -1.38 12.12 -2.56
CA ARG A 41 -2.56 12.53 -3.33
C ARG A 41 -2.45 13.94 -3.91
N ILE A 42 -1.69 14.80 -3.24
CA ILE A 42 -1.37 16.13 -3.77
C ILE A 42 0.14 16.34 -3.60
N PRO A 43 0.73 17.28 -4.37
CA PRO A 43 2.15 17.59 -4.16
C PRO A 43 2.40 18.25 -2.81
N ILE A 44 3.63 18.08 -2.31
CA ILE A 44 4.13 18.82 -1.17
C ILE A 44 5.33 19.63 -1.65
N PRO A 45 5.08 20.89 -2.06
CA PRO A 45 6.21 21.70 -2.53
C PRO A 45 7.17 22.08 -1.42
N CYS A 46 8.36 22.49 -1.82
CA CYS A 46 9.35 22.99 -0.89
C CYS A 46 9.78 24.38 -1.36
N VAL A 47 9.77 25.33 -0.44
CA VAL A 47 10.13 26.71 -0.76
C VAL A 47 11.16 27.25 0.22
N ASN A 48 11.85 28.29 -0.21
CA ASN A 48 12.84 28.92 0.64
C ASN A 48 12.83 30.45 0.43
N ALA A 49 12.38 31.17 1.45
CA ALA A 49 12.32 32.63 1.40
C ALA A 49 13.32 33.23 2.38
N VAL A 50 14.34 32.44 2.74
CA VAL A 50 15.29 32.84 3.77
C VAL A 50 16.74 32.89 3.28
N ASP A 51 17.19 31.81 2.66
CA ASP A 51 18.59 31.71 2.25
C ASP A 51 18.77 30.87 0.99
N SER A 52 20.01 30.40 0.77
CA SER A 52 20.38 29.76 -0.49
C SER A 52 20.27 28.24 -0.46
N GLU A 53 19.88 27.68 0.68
CA GLU A 53 19.76 26.22 0.84
C GLU A 53 18.78 25.55 -0.11
N PRO A 54 19.20 24.43 -0.73
CA PRO A 54 18.29 23.66 -1.57
C PRO A 54 17.36 22.86 -0.69
N CYS A 55 16.35 22.25 -1.30
CA CYS A 55 15.44 21.37 -0.57
C CYS A 55 16.24 20.26 0.14
N PRO A 56 15.92 19.99 1.42
CA PRO A 56 16.64 18.95 2.16
C PRO A 56 16.50 17.64 1.41
N SER A 57 17.60 16.92 1.27
CA SER A 57 17.55 15.69 0.51
C SER A 57 18.39 14.56 1.10
N ASN A 58 18.86 14.70 2.34
N ASN A 58 18.80 14.73 2.36
CA ASN A 58 19.65 13.60 2.93
CA ASN A 58 19.58 13.74 3.08
C ASN A 58 18.81 12.56 3.68
C ASN A 58 18.72 12.66 3.76
N TYR A 59 17.77 12.13 3.00
CA TYR A 59 16.85 11.07 3.47
C TYR A 59 16.13 10.59 2.23
N LYS A 60 15.49 9.44 2.33
CA LYS A 60 14.62 8.95 1.28
C LYS A 60 13.16 9.17 1.66
N TYR A 61 12.42 9.92 0.84
CA TYR A 61 11.00 10.10 1.10
C TYR A 61 10.26 8.82 0.82
N VAL A 62 9.55 8.32 1.85
CA VAL A 62 8.61 7.23 1.66
C VAL A 62 7.24 7.62 2.21
N SER A 63 6.18 7.19 1.52
CA SER A 63 4.84 7.58 1.94
C SER A 63 4.25 6.64 2.98
N GLN A 64 4.87 5.47 3.16
CA GLN A 64 4.41 4.46 4.11
C GLN A 64 5.58 3.88 4.89
N ASN A 65 5.33 3.34 6.09
CA ASN A 65 6.41 2.77 6.90
C ASN A 65 7.15 1.65 6.20
N CYS A 66 8.43 1.51 6.51
CA CYS A 66 9.24 0.43 5.96
C CYS A 66 9.98 -0.28 7.08
N VAL A 67 10.65 -1.37 6.73
CA VAL A 67 11.55 -2.01 7.67
C VAL A 67 12.88 -2.26 7.00
N THR A 68 13.88 -2.43 7.84
CA THR A 68 15.18 -2.82 7.43
C THR A 68 15.26 -4.28 7.99
N SER A 69 15.74 -4.49 9.21
CA SER A 69 15.63 -5.81 9.87
C SER A 69 14.16 -6.19 10.08
N PRO A 70 13.84 -7.50 10.00
CA PRO A 70 12.40 -7.87 10.06
C PRO A 70 11.72 -7.60 11.40
N MET A 71 10.44 -7.19 11.33
CA MET A 71 9.66 -6.86 12.53
C MET A 71 8.63 -7.91 12.92
N ASN A 72 8.24 -8.76 11.96
CA ASN A 72 7.26 -9.83 12.22
C ASN A 72 5.93 -9.34 12.80
N ILE A 73 5.41 -8.30 12.15
CA ILE A 73 4.08 -7.79 12.45
C ILE A 73 3.07 -8.91 12.17
N ASP A 74 2.13 -9.11 13.09
CA ASP A 74 1.07 -10.10 12.89
C ASP A 74 0.10 -9.60 11.81
N ARG A 75 0.18 -10.22 10.63
CA ARG A 75 -0.71 -9.86 9.52
C ARG A 75 -1.64 -11.01 9.12
N ASN A 76 -1.87 -11.95 10.04
CA ASN A 76 -2.81 -13.04 9.78
C ASN A 76 -4.21 -12.46 9.65
N ILE A 77 -4.78 -12.53 8.45
CA ILE A 77 -6.09 -11.91 8.23
C ILE A 77 -7.17 -12.43 9.17
N THR A 78 -7.06 -13.70 9.57
CA THR A 78 -8.07 -14.28 10.45
C THR A 78 -7.98 -13.75 11.88
N HIS A 79 -6.89 -13.03 12.20
CA HIS A 79 -6.75 -12.42 13.52
C HIS A 79 -7.39 -11.04 13.62
N LEU A 80 -7.74 -10.45 12.48
CA LEU A 80 -8.32 -9.12 12.46
C LEU A 80 -9.70 -9.13 13.00
N GLN A 81 -9.99 -8.27 13.96
CA GLN A 81 -11.38 -8.00 14.31
C GLN A 81 -11.97 -7.15 13.20
N TYR A 82 -13.23 -7.39 12.90
CA TYR A 82 -13.92 -6.67 11.83
C TYR A 82 -15.38 -6.50 12.17
N CYS A 83 -16.02 -5.60 11.43
CA CYS A 83 -17.43 -5.37 11.60
C CYS A 83 -18.27 -5.98 10.48
N VAL A 84 -19.58 -6.11 10.76
CA VAL A 84 -20.52 -6.69 9.81
C VAL A 84 -21.66 -5.69 9.49
N CYS A 85 -21.35 -4.42 9.62
CA CYS A 85 -22.34 -3.34 9.44
C CYS A 85 -22.98 -3.36 8.06
N ILE A 86 -24.28 -3.05 8.04
CA ILE A 86 -25.03 -2.91 6.79
C ILE A 86 -25.24 -1.42 6.44
N ASP A 87 -24.70 -0.54 7.27
CA ASP A 87 -24.80 0.89 7.05
C ASP A 87 -23.40 1.49 6.78
N ASP A 88 -23.20 2.76 7.13
N ASP A 88 -23.20 2.76 7.15
CA ASP A 88 -21.93 3.43 6.93
CA ASP A 88 -21.95 3.49 6.97
C ASP A 88 -21.06 3.41 8.19
C ASP A 88 -21.03 3.39 8.18
N CYS A 89 -21.32 2.45 9.08
CA CYS A 89 -20.54 2.33 10.32
C CYS A 89 -20.64 3.57 11.20
N SER A 90 -21.83 4.17 11.20
CA SER A 90 -22.11 5.32 12.06
C SER A 90 -22.82 4.91 13.37
N SER A 91 -23.22 3.64 13.47
CA SER A 91 -24.02 3.18 14.62
C SER A 91 -23.20 2.48 15.70
N SER A 92 -23.83 2.24 16.85
CA SER A 92 -23.22 1.54 17.99
C SER A 92 -23.03 0.04 17.73
N ASN A 93 -23.57 -0.45 16.63
CA ASN A 93 -23.42 -1.85 16.26
C ASN A 93 -22.06 -2.16 15.61
N CYS A 94 -21.27 -1.13 15.32
CA CYS A 94 -20.00 -1.35 14.64
C CYS A 94 -18.91 -1.79 15.62
N MET A 95 -18.43 -3.02 15.46
CA MET A 95 -17.32 -3.56 16.28
C MET A 95 -16.11 -2.62 16.28
N CYS A 96 -15.79 -2.09 15.11
CA CYS A 96 -14.59 -1.29 14.95
C CYS A 96 -14.69 0.00 15.77
N GLY A 97 -15.88 0.60 15.75
CA GLY A 97 -16.18 1.76 16.61
C GLY A 97 -16.11 1.40 18.08
N GLN A 98 -16.62 0.23 18.46
CA GLN A 98 -16.54 -0.23 19.85
C GLN A 98 -15.08 -0.41 20.30
N LEU A 99 -14.23 -0.94 19.43
CA LEU A 99 -12.83 -1.14 19.79
C LEU A 99 -12.17 0.21 20.04
N SER A 100 -12.70 1.24 19.37
CA SER A 100 -12.19 2.60 19.46
C SER A 100 -12.85 3.38 20.59
N MET A 101 -13.69 2.68 21.37
CA MET A 101 -14.64 3.26 22.37
C MET A 101 -15.91 3.72 21.65
N ARG A 102 -15.73 4.58 20.67
CA ARG A 102 -16.77 4.91 19.70
C ARG A 102 -16.05 5.32 18.42
N CYS A 103 -16.78 5.40 17.32
CA CYS A 103 -16.22 6.05 16.14
C CYS A 103 -16.15 7.55 16.43
N TRP A 104 -14.93 8.09 16.42
CA TRP A 104 -14.70 9.51 16.76
C TRP A 104 -14.81 10.44 15.57
N TYR A 105 -15.09 9.89 14.39
CA TYR A 105 -15.13 10.68 13.17
C TYR A 105 -16.54 11.12 12.83
N ASP A 106 -16.70 12.41 12.57
CA ASP A 106 -17.97 12.91 12.03
C ASP A 106 -18.07 12.65 10.53
N LYS A 107 -19.14 13.14 9.90
CA LYS A 107 -19.37 12.87 8.48
C LYS A 107 -18.33 13.53 7.55
N ASP A 108 -17.61 14.51 8.08
CA ASP A 108 -16.57 15.21 7.33
C ASP A 108 -15.20 14.58 7.56
N GLY A 109 -15.15 13.53 8.37
CA GLY A 109 -13.89 12.85 8.69
C GLY A 109 -13.11 13.49 9.84
N ARG A 110 -13.76 14.40 10.56
CA ARG A 110 -13.08 15.15 11.63
C ARG A 110 -13.43 14.58 12.98
N LEU A 111 -12.46 14.60 13.90
CA LEU A 111 -12.69 14.18 15.27
C LEU A 111 -13.79 14.99 15.95
N LEU A 112 -14.66 14.28 16.65
CA LEU A 112 -15.74 14.92 17.41
C LEU A 112 -15.16 15.79 18.53
N PRO A 113 -15.87 16.88 18.90
CA PRO A 113 -15.50 17.74 20.03
C PRO A 113 -15.24 16.97 21.34
N GLU A 114 -15.95 15.86 21.54
CA GLU A 114 -15.76 15.00 22.72
C GLU A 114 -14.43 14.25 22.77
N PHE A 115 -13.72 14.20 21.64
CA PHE A 115 -12.46 13.46 21.58
C PHE A 115 -11.46 14.01 22.60
N ASN A 116 -10.88 13.13 23.40
CA ASN A 116 -9.94 13.54 24.44
C ASN A 116 -8.54 13.74 23.87
N MET A 117 -8.17 14.99 23.60
CA MET A 117 -6.88 15.26 22.97
C MET A 117 -5.70 15.25 23.93
N ALA A 118 -5.99 15.39 25.22
CA ALA A 118 -4.95 15.29 26.24
C ALA A 118 -4.56 13.84 26.48
N GLU A 119 -5.52 12.94 26.37
CA GLU A 119 -5.29 11.50 26.54
C GLU A 119 -6.07 10.73 25.48
N PRO A 120 -5.57 10.74 24.23
CA PRO A 120 -6.33 10.12 23.14
C PRO A 120 -6.51 8.61 23.29
N PRO A 121 -7.68 8.08 22.89
CA PRO A 121 -7.86 6.63 22.86
C PRO A 121 -7.13 6.05 21.65
N LEU A 122 -7.00 4.73 21.61
CA LEU A 122 -6.56 4.05 20.40
C LEU A 122 -7.69 4.05 19.42
N ILE A 123 -7.39 4.32 18.15
CA ILE A 123 -8.42 4.28 17.11
C ILE A 123 -8.24 3.04 16.25
N PHE A 124 -9.33 2.29 16.09
CA PHE A 124 -9.36 1.15 15.17
C PHE A 124 -10.28 1.51 14.02
N GLU A 125 -9.67 1.74 12.86
CA GLU A 125 -10.44 2.00 11.65
C GLU A 125 -10.93 0.70 11.04
N CYS A 126 -11.93 0.80 10.18
CA CYS A 126 -12.38 -0.39 9.44
C CYS A 126 -11.27 -0.86 8.51
N ASN A 127 -11.37 -2.13 8.14
CA ASN A 127 -10.31 -2.78 7.39
C ASN A 127 -10.89 -3.70 6.31
N HIS A 128 -10.02 -4.41 5.62
CA HIS A 128 -10.42 -5.21 4.45
C HIS A 128 -11.15 -6.51 4.81
N ALA A 129 -11.21 -6.82 6.11
CA ALA A 129 -12.04 -7.93 6.59
C ALA A 129 -13.48 -7.52 6.91
N CYS A 130 -13.72 -6.22 7.14
CA CYS A 130 -15.06 -5.73 7.44
C CYS A 130 -16.02 -5.92 6.28
N SER A 131 -17.31 -6.07 6.59
CA SER A 131 -18.36 -6.24 5.57
C SER A 131 -18.77 -4.91 4.95
N CYS A 132 -18.39 -3.82 5.60
CA CYS A 132 -18.77 -2.49 5.15
C CYS A 132 -18.03 -2.11 3.86
N TRP A 133 -18.40 -0.97 3.30
CA TRP A 133 -17.82 -0.53 2.06
C TRP A 133 -16.67 0.45 2.30
N ARG A 134 -15.90 0.67 1.25
CA ARG A 134 -14.67 1.46 1.33
C ARG A 134 -14.91 2.92 1.70
N ASN A 135 -16.15 3.40 1.49
CA ASN A 135 -16.51 4.76 1.83
C ASN A 135 -17.16 4.92 3.21
N CYS A 136 -17.08 3.91 4.09
CA CYS A 136 -17.75 4.03 5.39
C CYS A 136 -17.15 5.16 6.26
N ARG A 137 -17.86 5.54 7.33
CA ARG A 137 -17.45 6.67 8.17
C ARG A 137 -16.12 6.42 8.90
N ASN A 138 -15.80 5.15 9.15
CA ASN A 138 -14.70 4.83 10.05
C ASN A 138 -13.41 4.58 9.30
N ARG A 139 -13.11 5.48 8.37
CA ARG A 139 -11.96 5.37 7.50
C ARG A 139 -11.53 6.78 7.22
N VAL A 140 -10.41 7.19 7.80
CA VAL A 140 -9.89 8.54 7.63
C VAL A 140 -8.39 8.49 7.41
N VAL A 141 -7.65 7.95 8.39
CA VAL A 141 -6.20 7.91 8.28
C VAL A 141 -5.78 7.03 7.10
N GLN A 142 -6.54 5.98 6.83
CA GLN A 142 -6.19 5.09 5.72
C GLN A 142 -6.41 5.71 4.33
N ASN A 143 -7.01 6.90 4.29
CA ASN A 143 -7.24 7.60 3.02
C ASN A 143 -6.08 8.52 2.65
N GLY A 144 -5.12 8.63 3.56
CA GLY A 144 -3.89 9.34 3.26
C GLY A 144 -3.96 10.84 3.40
N LEU A 145 -2.80 11.43 3.18
CA LEU A 145 -2.62 12.87 3.21
C LEU A 145 -3.53 13.52 2.17
N ARG A 146 -4.34 14.47 2.64
CA ARG A 146 -5.24 15.26 1.80
C ARG A 146 -4.94 16.76 1.80
N ALA A 147 -4.62 17.31 2.99
CA ALA A 147 -4.35 18.74 3.17
C ALA A 147 -3.18 19.20 2.31
N ARG A 148 -3.22 20.47 1.90
CA ARG A 148 -2.14 21.06 1.13
C ARG A 148 -1.09 21.61 2.09
N LEU A 149 0.06 20.92 2.12
CA LEU A 149 1.18 21.26 3.00
C LEU A 149 2.37 21.74 2.19
N GLN A 150 3.32 22.35 2.87
CA GLN A 150 4.50 22.87 2.21
C GLN A 150 5.68 22.79 3.16
N LEU A 151 6.81 22.27 2.67
CA LEU A 151 8.06 22.31 3.41
C LEU A 151 8.70 23.67 3.16
N TYR A 152 9.19 24.32 4.21
CA TYR A 152 9.76 25.64 4.02
C TYR A 152 10.90 25.93 4.98
N ARG A 153 11.74 26.88 4.58
CA ARG A 153 12.85 27.30 5.42
C ARG A 153 12.36 28.32 6.45
N THR A 154 12.45 27.96 7.72
CA THR A 154 12.15 28.91 8.80
C THR A 154 13.37 29.82 9.00
N ARG A 155 13.15 30.92 9.70
CA ARG A 155 14.23 31.85 10.02
C ARG A 155 15.19 31.29 11.06
N ASP A 156 14.66 30.60 12.08
CA ASP A 156 15.42 30.24 13.28
C ASP A 156 15.45 28.75 13.63
N MET A 157 14.73 27.93 12.89
CA MET A 157 14.47 26.57 13.31
C MET A 157 14.63 25.57 12.17
N GLY A 158 15.60 25.81 11.29
CA GLY A 158 15.84 24.94 10.14
C GLY A 158 14.62 24.88 9.25
N TRP A 159 14.29 23.69 8.78
CA TRP A 159 13.11 23.53 7.92
C TRP A 159 11.90 23.20 8.80
N GLY A 160 10.73 23.59 8.33
CA GLY A 160 9.48 23.26 8.99
C GLY A 160 8.38 23.03 7.97
N VAL A 161 7.19 22.69 8.47
CA VAL A 161 6.06 22.40 7.59
C VAL A 161 4.93 23.38 7.90
N ARG A 162 4.35 23.97 6.85
CA ARG A 162 3.17 24.80 7.00
C ARG A 162 1.99 24.25 6.25
N SER A 163 0.81 24.68 6.67
CA SER A 163 -0.40 24.45 5.91
C SER A 163 -0.61 25.58 4.90
N LEU A 164 -0.96 25.23 3.69
CA LEU A 164 -1.28 26.24 2.66
C LEU A 164 -2.74 26.69 2.70
N GLN A 165 -3.58 25.94 3.42
CA GLN A 165 -5.01 26.25 3.52
C GLN A 165 -5.50 26.19 4.96
N ASP A 166 -6.70 26.71 5.20
CA ASP A 166 -7.30 26.53 6.51
C ASP A 166 -7.55 25.04 6.75
N ILE A 167 -7.18 24.57 7.93
CA ILE A 167 -7.48 23.21 8.36
C ILE A 167 -8.42 23.27 9.57
N PRO A 168 -9.67 22.80 9.41
CA PRO A 168 -10.61 22.79 10.53
C PRO A 168 -10.12 21.95 11.72
N PRO A 169 -10.62 22.22 12.93
CA PRO A 169 -10.25 21.39 14.09
C PRO A 169 -10.60 19.93 13.90
N GLY A 170 -9.72 19.05 14.38
CA GLY A 170 -9.95 17.60 14.37
C GLY A 170 -9.71 16.92 13.03
N THR A 171 -9.01 17.60 12.12
CA THR A 171 -8.72 17.05 10.79
C THR A 171 -7.43 16.22 10.80
N PHE A 172 -7.46 15.07 10.12
CA PHE A 172 -6.25 14.30 9.92
C PHE A 172 -5.31 15.06 8.99
N VAL A 173 -4.10 15.28 9.46
CA VAL A 173 -3.13 16.09 8.70
C VAL A 173 -2.09 15.21 7.99
N CYS A 174 -1.39 14.38 8.75
CA CYS A 174 -0.41 13.49 8.15
C CYS A 174 0.00 12.43 9.16
N GLU A 175 0.71 11.42 8.68
CA GLU A 175 1.18 10.31 9.52
C GLU A 175 2.69 10.45 9.76
N TYR A 176 3.14 10.07 10.96
CA TYR A 176 4.59 9.97 11.20
C TYR A 176 5.09 8.65 10.62
N VAL A 177 5.75 8.74 9.47
CA VAL A 177 6.19 7.57 8.72
C VAL A 177 7.70 7.43 8.78
N GLY A 178 8.21 6.19 8.82
CA GLY A 178 9.63 5.95 8.72
C GLY A 178 9.94 4.47 8.83
N GLU A 179 11.13 4.18 9.33
CA GLU A 179 11.66 2.85 9.47
C GLU A 179 11.29 2.29 10.85
N LEU A 180 10.61 1.15 10.88
CA LEU A 180 10.22 0.52 12.15
C LEU A 180 11.40 -0.27 12.69
N ILE A 181 11.80 0.06 13.93
CA ILE A 181 12.96 -0.56 14.57
C ILE A 181 12.65 -0.91 16.01
N SER A 182 13.46 -1.78 16.61
CA SER A 182 13.30 -2.10 18.02
C SER A 182 13.81 -0.98 18.93
N ASP A 183 13.37 -1.03 20.19
CA ASP A 183 13.85 -0.13 21.25
C ASP A 183 15.37 -0.16 21.36
N SER A 184 15.94 -1.36 21.28
N SER A 184 15.97 -1.35 21.25
CA SER A 184 17.39 -1.55 21.39
CA SER A 184 17.42 -1.52 21.40
C SER A 184 18.14 -0.91 20.23
C SER A 184 18.25 -1.03 20.20
N GLU A 185 17.67 -1.12 19.00
CA GLU A 185 18.29 -0.52 17.81
C GLU A 185 18.21 1.00 17.91
N ALA A 186 17.05 1.50 18.37
CA ALA A 186 16.84 2.93 18.55
C ALA A 186 17.86 3.52 19.53
N ASP A 187 18.26 2.72 20.52
CA ASP A 187 19.11 3.21 21.59
C ASP A 187 20.55 3.42 21.12
N VAL A 188 20.91 2.84 19.98
CA VAL A 188 22.26 3.00 19.40
C VAL A 188 22.30 3.74 18.05
N ARG A 189 21.18 4.31 17.62
CA ARG A 189 21.16 5.13 16.41
C ARG A 189 21.98 6.41 16.67
N GLU A 190 22.92 6.70 15.78
CA GLU A 190 23.79 7.88 15.90
C GLU A 190 23.01 9.21 15.88
N GLU A 191 22.04 9.29 14.98
CA GLU A 191 21.16 10.44 14.92
C GLU A 191 19.85 10.05 15.55
N ASP A 192 19.50 10.72 16.65
CA ASP A 192 18.28 10.39 17.39
C ASP A 192 17.14 11.40 17.20
N SER A 193 17.38 12.43 16.39
CA SER A 193 16.42 13.56 16.25
C SER A 193 15.08 13.20 15.62
N TYR A 194 15.00 12.04 14.97
CA TYR A 194 13.80 11.66 14.22
C TYR A 194 13.11 10.42 14.77
N LEU A 195 13.50 9.96 15.96
CA LEU A 195 12.92 8.77 16.58
C LEU A 195 11.58 9.06 17.21
N PHE A 196 10.62 8.13 17.06
CA PHE A 196 9.29 8.27 17.66
C PHE A 196 8.93 6.93 18.30
N ASP A 197 8.80 6.92 19.63
CA ASP A 197 8.43 5.71 20.35
C ASP A 197 6.96 5.36 20.13
N LEU A 198 6.70 4.08 19.84
CA LEU A 198 5.31 3.65 19.60
C LEU A 198 4.53 3.41 20.89
N ASP A 199 5.25 3.20 21.97
CA ASP A 199 4.63 2.97 23.25
C ASP A 199 5.62 3.43 24.33
N ASN A 200 5.09 3.93 25.44
CA ASN A 200 5.92 4.54 26.46
C ASN A 200 6.31 3.64 27.63
N LYS A 201 5.84 2.40 27.62
CA LYS A 201 6.12 1.47 28.72
C LYS A 201 7.46 0.75 28.56
N ASP A 202 7.81 -0.10 29.52
CA ASP A 202 9.02 -0.90 29.45
C ASP A 202 8.73 -2.22 28.72
N GLY A 203 9.77 -2.88 28.23
CA GLY A 203 9.62 -4.21 27.64
C GLY A 203 9.76 -4.23 26.13
N GLU A 204 8.91 -5.01 25.47
CA GLU A 204 9.01 -5.18 24.02
C GLU A 204 8.31 -4.03 23.31
N VAL A 205 9.06 -2.95 23.09
CA VAL A 205 8.49 -1.75 22.47
C VAL A 205 9.27 -1.36 21.21
N TYR A 206 8.62 -0.61 20.33
CA TYR A 206 9.18 -0.32 19.02
C TYR A 206 9.17 1.16 18.76
N CYS A 207 9.89 1.53 17.71
N CYS A 207 9.85 1.54 17.68
CA CYS A 207 10.07 2.93 17.35
CA CYS A 207 10.15 2.93 17.38
C CYS A 207 9.93 3.08 15.86
C CYS A 207 10.16 3.16 15.88
N ILE A 208 9.64 4.31 15.45
CA ILE A 208 9.79 4.72 14.05
C ILE A 208 11.00 5.66 14.01
N ASP A 209 11.98 5.34 13.16
CA ASP A 209 13.09 6.26 12.92
C ASP A 209 12.86 6.86 11.53
N ALA A 210 12.63 8.17 11.49
CA ALA A 210 12.44 8.84 10.22
C ALA A 210 13.73 9.45 9.67
N ARG A 211 14.89 9.06 10.21
CA ARG A 211 16.13 9.70 9.78
C ARG A 211 16.53 9.32 8.36
N PHE A 212 16.49 8.03 8.05
CA PHE A 212 16.91 7.55 6.73
C PHE A 212 15.77 7.49 5.74
N TYR A 213 14.59 7.10 6.26
CA TYR A 213 13.35 6.99 5.46
C TYR A 213 12.29 7.70 6.24
N GLY A 214 11.60 8.62 5.59
CA GLY A 214 10.53 9.37 6.26
C GLY A 214 9.66 10.11 5.27
N ASN A 215 8.61 10.73 5.80
CA ASN A 215 7.77 11.58 4.96
C ASN A 215 7.82 13.01 5.47
N VAL A 216 6.83 13.80 5.06
CA VAL A 216 6.83 15.22 5.42
C VAL A 216 6.87 15.48 6.94
N SER A 217 6.31 14.54 7.71
N SER A 217 6.30 14.54 7.70
CA SER A 217 6.22 14.70 9.16
CA SER A 217 6.20 14.72 9.15
C SER A 217 7.55 14.81 9.85
C SER A 217 7.54 14.81 9.85
N ARG A 218 8.60 14.29 9.22
CA ARG A 218 9.95 14.36 9.81
C ARG A 218 10.44 15.79 9.99
N PHE A 219 9.83 16.73 9.25
CA PHE A 219 10.20 18.15 9.35
C PHE A 219 9.29 18.99 10.25
N ILE A 220 8.28 18.37 10.87
CA ILE A 220 7.42 19.13 11.78
C ILE A 220 8.17 19.46 13.06
N ASN A 221 8.28 20.76 13.35
CA ASN A 221 8.96 21.22 14.55
C ASN A 221 8.11 21.05 15.82
N HIS A 222 8.79 21.10 16.96
CA HIS A 222 8.14 21.02 18.26
C HIS A 222 7.51 22.35 18.63
N HIS A 223 6.33 22.30 19.23
CA HIS A 223 5.68 23.49 19.79
C HIS A 223 5.03 23.12 21.13
N CYS A 224 5.21 24.00 22.13
CA CYS A 224 4.70 23.75 23.48
C CYS A 224 3.19 23.93 23.62
N GLU A 225 2.58 24.68 22.71
CA GLU A 225 1.11 24.79 22.62
C GLU A 225 0.68 24.37 21.21
N PRO A 226 0.74 23.05 20.96
CA PRO A 226 0.74 22.57 19.57
C PRO A 226 -0.61 22.58 18.85
N ASN A 227 -0.58 22.83 17.54
CA ASN A 227 -1.77 22.71 16.70
C ASN A 227 -2.01 21.29 16.13
N LEU A 228 -1.10 20.37 16.40
CA LEU A 228 -1.28 18.93 16.11
C LEU A 228 -1.14 18.07 17.36
N VAL A 229 -1.86 16.96 17.37
CA VAL A 229 -1.71 15.93 18.40
C VAL A 229 -1.56 14.57 17.71
N PRO A 230 -0.57 13.78 18.14
CA PRO A 230 -0.42 12.41 17.61
C PRO A 230 -1.38 11.43 18.28
N VAL A 231 -1.98 10.57 17.47
CA VAL A 231 -2.94 9.57 17.92
C VAL A 231 -2.50 8.22 17.37
N ARG A 232 -2.61 7.17 18.19
CA ARG A 232 -2.26 5.81 17.77
C ARG A 232 -3.45 5.18 17.04
N VAL A 233 -3.19 4.65 15.84
CA VAL A 233 -4.27 4.17 14.95
C VAL A 233 -3.90 2.80 14.39
N PHE A 234 -4.93 1.94 14.28
CA PHE A 234 -4.82 0.62 13.63
C PHE A 234 -5.73 0.58 12.43
N MET A 235 -5.19 0.06 11.33
CA MET A 235 -5.88 -0.03 10.04
C MET A 235 -5.78 -1.46 9.51
N ALA A 236 -4.76 -1.75 8.68
CA ALA A 236 -4.68 -3.05 7.99
C ALA A 236 -4.31 -4.23 8.89
N HIS A 237 -3.67 -3.95 10.02
CA HIS A 237 -3.36 -4.97 11.02
C HIS A 237 -3.72 -4.43 12.40
N GLN A 238 -3.82 -5.32 13.38
CA GLN A 238 -4.14 -4.94 14.76
C GLN A 238 -3.11 -5.50 15.74
N ASP A 239 -1.85 -5.52 15.30
CA ASP A 239 -0.75 -5.89 16.16
C ASP A 239 -0.46 -4.68 17.05
N LEU A 240 -0.79 -4.81 18.34
CA LEU A 240 -0.76 -3.67 19.26
C LEU A 240 0.65 -3.16 19.55
N ARG A 241 1.68 -3.92 19.15
CA ARG A 241 3.06 -3.46 19.24
C ARG A 241 3.38 -2.39 18.21
N PHE A 242 2.54 -2.27 17.17
CA PHE A 242 2.86 -1.43 16.03
C PHE A 242 1.71 -0.49 15.67
N PRO A 243 1.33 0.41 16.60
CA PRO A 243 0.37 1.44 16.20
C PRO A 243 1.02 2.35 15.14
N ARG A 244 0.18 2.98 14.33
CA ARG A 244 0.65 3.99 13.39
C ARG A 244 0.32 5.34 13.99
N ILE A 245 1.14 6.34 13.70
CA ILE A 245 1.02 7.63 14.37
C ILE A 245 0.40 8.64 13.43
N ALA A 246 -0.81 9.07 13.77
CA ALA A 246 -1.55 10.03 12.95
C ALA A 246 -1.66 11.36 13.67
N PHE A 247 -1.30 12.44 12.98
CA PHE A 247 -1.46 13.80 13.52
C PHE A 247 -2.80 14.39 13.14
N PHE A 248 -3.54 14.85 14.14
CA PHE A 248 -4.82 15.55 13.91
C PHE A 248 -4.68 16.98 14.42
N SER A 249 -5.36 17.92 13.75
CA SER A 249 -5.35 19.31 14.23
C SER A 249 -6.11 19.46 15.54
N THR A 250 -5.57 20.27 16.43
CA THR A 250 -6.17 20.46 17.76
C THR A 250 -7.09 21.68 17.80
N ARG A 251 -7.09 22.41 16.71
CA ARG A 251 -7.79 23.70 16.58
C ARG A 251 -7.77 24.06 15.10
N LEU A 252 -8.44 25.15 14.72
CA LEU A 252 -8.35 25.64 13.36
C LEU A 252 -6.92 26.08 13.10
N ILE A 253 -6.31 25.54 12.04
CA ILE A 253 -4.98 25.95 11.61
C ILE A 253 -5.18 26.85 10.40
N GLU A 254 -4.71 28.10 10.51
CA GLU A 254 -4.94 29.06 9.44
C GLU A 254 -3.97 28.87 8.30
N ALA A 255 -4.42 29.17 7.08
CA ALA A 255 -3.55 29.14 5.92
C ALA A 255 -2.26 29.90 6.22
N GLY A 256 -1.13 29.26 5.92
CA GLY A 256 0.19 29.84 6.17
C GLY A 256 0.86 29.43 7.46
N GLU A 257 0.07 28.93 8.43
CA GLU A 257 0.58 28.62 9.76
C GLU A 257 1.52 27.41 9.75
N GLN A 258 2.60 27.52 10.53
CA GLN A 258 3.49 26.37 10.73
C GLN A 258 2.79 25.29 11.57
N LEU A 259 2.99 24.03 11.17
CA LEU A 259 2.52 22.90 11.96
C LEU A 259 3.48 22.65 13.10
N GLY A 260 2.93 22.25 14.26
CA GLY A 260 3.75 21.85 15.39
C GLY A 260 3.08 20.78 16.22
N PHE A 261 3.88 19.93 16.84
CA PHE A 261 3.35 19.04 17.88
C PHE A 261 4.29 19.01 19.08
N ASP A 262 3.80 18.49 20.20
CA ASP A 262 4.61 18.39 21.42
C ASP A 262 5.42 17.09 21.35
N TYR A 263 6.72 17.23 21.11
CA TYR A 263 7.62 16.08 21.03
C TYR A 263 7.61 15.24 22.30
N GLY A 264 7.37 15.89 23.45
CA GLY A 264 7.27 15.19 24.73
C GLY A 264 8.54 15.16 25.56
N GLU A 265 8.41 14.69 26.80
CA GLU A 265 9.54 14.73 27.73
C GLU A 265 10.66 13.75 27.37
N ARG A 266 10.33 12.63 26.75
CA ARG A 266 11.39 11.68 26.36
C ARG A 266 12.29 12.22 25.24
N PHE A 267 11.85 13.29 24.61
CA PHE A 267 12.71 14.03 23.70
C PHE A 267 13.53 15.09 24.45
N TRP A 268 12.81 15.96 25.16
CA TRP A 268 13.44 17.11 25.79
C TRP A 268 14.32 16.77 26.98
N ASP A 269 14.05 15.65 27.64
CA ASP A 269 14.96 15.15 28.71
C ASP A 269 16.38 14.97 28.20
N ILE A 270 16.52 14.58 26.93
CA ILE A 270 17.83 14.38 26.32
C ILE A 270 18.30 15.66 25.64
N LYS A 271 17.45 16.22 24.79
CA LYS A 271 17.87 17.33 23.93
C LYS A 271 17.99 18.68 24.64
N GLY A 272 17.20 18.85 25.70
CA GLY A 272 17.21 20.10 26.48
C GLY A 272 18.56 20.38 27.10
N LYS A 273 19.34 19.33 27.33
CA LYS A 273 20.70 19.47 27.84
C LYS A 273 21.64 20.10 26.82
N LEU A 274 21.23 20.10 25.56
CA LEU A 274 22.03 20.62 24.46
C LEU A 274 21.54 21.96 23.93
N PHE A 275 20.22 22.11 23.80
CA PHE A 275 19.63 23.36 23.31
C PHE A 275 18.23 23.52 23.87
N SER A 276 17.74 24.76 23.84
CA SER A 276 16.43 25.08 24.38
C SER A 276 15.38 25.18 23.30
N CYS A 277 14.13 25.01 23.69
CA CYS A 277 13.01 25.23 22.79
C CYS A 277 12.90 26.70 22.39
N ARG A 278 12.71 26.93 21.10
CA ARG A 278 12.49 28.29 20.61
C ARG A 278 11.11 28.43 19.94
N CYS A 279 10.13 27.70 20.45
CA CYS A 279 8.78 27.74 19.89
C CYS A 279 8.13 29.12 20.03
N GLY A 280 8.56 29.88 21.05
CA GLY A 280 8.10 31.26 21.22
C GLY A 280 6.82 31.42 22.01
N SER A 281 6.27 30.29 22.51
CA SER A 281 5.04 30.31 23.28
C SER A 281 5.23 31.03 24.62
N PRO A 282 4.24 31.84 25.05
CA PRO A 282 4.27 32.44 26.38
C PRO A 282 4.30 31.36 27.46
N LYS A 283 3.87 30.16 27.08
CA LYS A 283 3.76 29.02 27.98
C LYS A 283 4.80 27.94 27.63
N CYS A 284 5.92 28.35 27.01
CA CYS A 284 7.00 27.42 26.65
C CYS A 284 7.50 26.68 27.89
N ARG A 285 7.60 25.37 27.79
CA ARG A 285 8.00 24.53 28.92
C ARG A 285 9.45 24.04 28.81
N HIS A 286 10.15 24.43 27.75
CA HIS A 286 11.46 23.87 27.47
C HIS A 286 12.57 24.89 27.15
N SER A 287 12.46 26.06 27.77
CA SER A 287 13.47 27.10 27.61
C SER A 287 13.74 27.80 28.94
N GLU B 28 -31.58 -9.26 -18.20
CA GLU B 28 -30.38 -9.24 -17.32
C GLU B 28 -30.67 -8.51 -16.01
N ARG B 29 -30.48 -9.21 -14.89
CA ARG B 29 -30.62 -8.60 -13.58
C ARG B 29 -29.23 -8.14 -13.13
N ILE B 30 -29.10 -6.87 -12.68
CA ILE B 30 -27.85 -6.45 -12.02
C ILE B 30 -28.01 -6.75 -10.55
N VAL B 31 -27.25 -7.74 -10.09
CA VAL B 31 -27.43 -8.27 -8.76
C VAL B 31 -26.46 -7.65 -7.73
N SER B 32 -25.48 -6.88 -8.21
CA SER B 32 -24.66 -6.04 -7.34
C SER B 32 -24.04 -4.93 -8.16
N ARG B 33 -24.03 -3.73 -7.61
CA ARG B 33 -23.36 -2.62 -8.25
C ARG B 33 -21.83 -2.76 -8.20
N ASP B 34 -21.32 -3.52 -7.23
CA ASP B 34 -19.86 -3.62 -7.09
C ASP B 34 -19.46 -4.74 -6.16
N ILE B 35 -18.90 -5.81 -6.73
CA ILE B 35 -18.46 -6.95 -5.90
C ILE B 35 -17.27 -6.58 -5.01
N ALA B 36 -16.56 -5.50 -5.36
CA ALA B 36 -15.38 -5.05 -4.61
C ALA B 36 -15.70 -4.07 -3.49
N ARG B 37 -16.96 -3.71 -3.31
CA ARG B 37 -17.38 -2.83 -2.22
C ARG B 37 -16.58 -1.51 -2.18
N GLY B 38 -16.26 -1.00 -3.37
CA GLY B 38 -15.57 0.27 -3.48
C GLY B 38 -14.07 0.21 -3.35
N TYR B 39 -13.51 -1.01 -3.25
CA TYR B 39 -12.05 -1.13 -3.04
C TYR B 39 -11.20 -0.98 -4.30
N GLU B 40 -11.80 -1.16 -5.46
CA GLU B 40 -11.06 -0.97 -6.71
C GLU B 40 -11.25 0.46 -7.23
N ARG B 41 -10.46 0.84 -8.23
CA ARG B 41 -10.54 2.17 -8.80
C ARG B 41 -11.85 2.40 -9.55
N ILE B 42 -12.48 1.31 -9.96
CA ILE B 42 -13.79 1.38 -10.62
C ILE B 42 -14.63 0.24 -10.03
N PRO B 43 -15.97 0.32 -10.15
CA PRO B 43 -16.80 -0.79 -9.68
C PRO B 43 -16.70 -1.99 -10.60
N ILE B 44 -16.95 -3.16 -10.01
CA ILE B 44 -17.11 -4.39 -10.77
C ILE B 44 -18.51 -4.94 -10.52
N PRO B 45 -19.46 -4.59 -11.40
CA PRO B 45 -20.83 -5.04 -11.16
C PRO B 45 -20.98 -6.53 -11.40
N CYS B 46 -22.09 -7.08 -10.90
CA CYS B 46 -22.41 -8.47 -11.08
C CYS B 46 -23.78 -8.55 -11.72
N VAL B 47 -23.89 -9.33 -12.78
CA VAL B 47 -25.16 -9.50 -13.50
C VAL B 47 -25.52 -10.97 -13.69
N ASN B 48 -26.82 -11.22 -13.84
CA ASN B 48 -27.31 -12.58 -14.05
C ASN B 48 -28.47 -12.55 -15.04
N ALA B 49 -28.21 -13.02 -16.25
CA ALA B 49 -29.22 -13.09 -17.31
C ALA B 49 -29.62 -14.54 -17.55
N VAL B 50 -29.30 -15.42 -16.62
CA VAL B 50 -29.45 -16.87 -16.82
C VAL B 50 -30.42 -17.54 -15.84
N ASP B 51 -30.23 -17.32 -14.55
CA ASP B 51 -31.09 -17.94 -13.54
C ASP B 51 -31.39 -16.99 -12.39
N SER B 52 -31.93 -17.53 -11.31
CA SER B 52 -32.40 -16.75 -10.17
C SER B 52 -31.32 -16.48 -9.12
N GLU B 53 -30.12 -17.03 -9.31
CA GLU B 53 -29.02 -16.92 -8.33
C GLU B 53 -28.59 -15.48 -8.03
N PRO B 54 -28.40 -15.14 -6.74
CA PRO B 54 -27.84 -13.84 -6.40
C PRO B 54 -26.34 -13.82 -6.67
N CYS B 55 -25.76 -12.63 -6.60
CA CYS B 55 -24.31 -12.50 -6.65
C CYS B 55 -23.63 -13.40 -5.61
N PRO B 56 -22.57 -14.13 -6.01
CA PRO B 56 -21.88 -15.03 -5.07
C PRO B 56 -21.38 -14.33 -3.79
N SER B 57 -21.57 -14.98 -2.65
CA SER B 57 -21.18 -14.39 -1.36
C SER B 57 -20.46 -15.37 -0.44
N ASN B 58 -19.97 -16.46 -1.01
CA ASN B 58 -19.28 -17.51 -0.26
C ASN B 58 -17.76 -17.36 -0.24
N TYR B 59 -17.29 -16.13 -0.33
CA TYR B 59 -15.87 -15.82 -0.26
C TYR B 59 -15.82 -14.37 0.20
N LYS B 60 -14.63 -13.90 0.56
CA LYS B 60 -14.39 -12.51 0.90
C LYS B 60 -13.61 -11.82 -0.22
N TYR B 61 -14.18 -10.77 -0.81
CA TYR B 61 -13.45 -9.99 -1.82
C TYR B 61 -12.36 -9.19 -1.14
N VAL B 62 -11.13 -9.42 -1.56
CA VAL B 62 -10.00 -8.57 -1.18
C VAL B 62 -9.28 -8.08 -2.43
N SER B 63 -8.84 -6.83 -2.40
CA SER B 63 -8.19 -6.26 -3.59
C SER B 63 -6.68 -6.52 -3.63
N GLN B 64 -6.10 -6.93 -2.50
CA GLN B 64 -4.66 -7.22 -2.45
C GLN B 64 -4.42 -8.55 -1.74
N ASN B 65 -3.29 -9.18 -2.02
CA ASN B 65 -2.97 -10.47 -1.40
C ASN B 65 -2.93 -10.38 0.12
N CYS B 66 -3.28 -11.48 0.75
CA CYS B 66 -3.25 -11.55 2.20
C CYS B 66 -2.55 -12.85 2.62
N VAL B 67 -2.34 -13.02 3.93
CA VAL B 67 -1.82 -14.28 4.48
C VAL B 67 -2.68 -14.69 5.66
N THR B 68 -2.68 -15.98 5.98
CA THR B 68 -3.15 -16.43 7.27
C THR B 68 -1.89 -16.73 8.07
N SER B 69 -1.36 -17.96 7.96
CA SER B 69 -0.04 -18.29 8.51
C SER B 69 1.04 -17.39 7.90
N PRO B 70 2.03 -16.97 8.71
CA PRO B 70 3.06 -16.05 8.20
C PRO B 70 3.94 -16.62 7.07
N MET B 71 4.20 -15.77 6.09
CA MET B 71 5.09 -16.07 4.98
C MET B 71 6.30 -15.18 5.20
N ASN B 72 7.50 -15.66 4.94
CA ASN B 72 8.62 -14.81 5.32
C ASN B 72 9.06 -13.93 4.15
N ILE B 73 8.13 -13.12 3.62
CA ILE B 73 8.47 -12.27 2.47
C ILE B 73 9.55 -11.28 2.89
N ASP B 74 10.66 -11.28 2.18
CA ASP B 74 11.76 -10.33 2.44
C ASP B 74 11.35 -8.90 2.04
N ARG B 75 11.04 -8.10 3.06
CA ARG B 75 10.67 -6.72 2.85
C ARG B 75 11.73 -5.75 3.36
N ASN B 76 12.95 -6.23 3.59
CA ASN B 76 14.05 -5.35 3.96
C ASN B 76 14.30 -4.34 2.84
N ILE B 77 14.03 -3.06 3.10
CA ILE B 77 14.13 -2.05 2.04
C ILE B 77 15.55 -1.95 1.47
N THR B 78 16.56 -2.32 2.26
CA THR B 78 17.93 -2.26 1.79
C THR B 78 18.29 -3.42 0.87
N HIS B 79 17.39 -4.39 0.74
CA HIS B 79 17.60 -5.51 -0.18
C HIS B 79 17.05 -5.24 -1.58
N LEU B 80 16.27 -4.17 -1.74
CA LEU B 80 15.76 -3.80 -3.05
C LEU B 80 16.86 -3.38 -3.99
N GLN B 81 16.74 -3.84 -5.23
CA GLN B 81 17.45 -3.20 -6.33
C GLN B 81 16.53 -2.11 -6.86
N TYR B 82 17.11 -0.99 -7.25
CA TYR B 82 16.31 0.15 -7.68
C TYR B 82 17.10 0.99 -8.63
N CYS B 83 16.41 1.91 -9.30
CA CYS B 83 17.08 2.76 -10.28
C CYS B 83 17.35 4.16 -9.77
N VAL B 84 18.28 4.83 -10.45
CA VAL B 84 18.70 6.18 -10.10
C VAL B 84 18.42 7.14 -11.27
N CYS B 85 17.42 6.78 -12.08
CA CYS B 85 17.09 7.53 -13.29
C CYS B 85 16.75 8.97 -12.99
N ILE B 86 17.23 9.86 -13.85
CA ILE B 86 16.92 11.28 -13.75
C ILE B 86 15.87 11.71 -14.79
N ASP B 87 15.35 10.73 -15.53
CA ASP B 87 14.30 10.96 -16.53
C ASP B 87 13.03 10.21 -16.10
N ASP B 88 12.25 9.73 -17.07
CA ASP B 88 10.99 9.02 -16.80
C ASP B 88 11.17 7.50 -16.95
N CYS B 89 12.40 7.00 -16.80
CA CYS B 89 12.70 5.57 -16.93
C CYS B 89 12.39 5.00 -18.33
N SER B 90 12.60 5.83 -19.34
CA SER B 90 12.44 5.37 -20.72
C SER B 90 13.78 5.10 -21.41
N SER B 91 14.89 5.27 -20.69
CA SER B 91 16.22 4.96 -21.26
C SER B 91 16.70 3.54 -20.92
N SER B 92 17.60 3.01 -21.75
CA SER B 92 18.14 1.69 -21.49
C SER B 92 19.10 1.67 -20.29
N ASN B 93 19.34 2.83 -19.68
CA ASN B 93 20.14 2.85 -18.45
C ASN B 93 19.39 2.45 -17.18
N CYS B 94 18.06 2.45 -17.23
CA CYS B 94 17.24 2.14 -16.07
C CYS B 94 17.53 0.76 -15.48
N MET B 95 17.97 0.71 -14.22
CA MET B 95 18.26 -0.58 -13.54
C MET B 95 17.07 -1.52 -13.57
N CYS B 96 15.89 -0.98 -13.35
CA CYS B 96 14.72 -1.80 -13.20
C CYS B 96 14.35 -2.41 -14.55
N GLY B 97 14.52 -1.64 -15.62
CA GLY B 97 14.37 -2.17 -16.98
C GLY B 97 15.37 -3.27 -17.25
N GLN B 98 16.61 -3.09 -16.82
CA GLN B 98 17.64 -4.10 -17.01
C GLN B 98 17.31 -5.40 -16.28
N LEU B 99 16.75 -5.30 -15.08
CA LEU B 99 16.34 -6.50 -14.33
C LEU B 99 15.25 -7.27 -15.07
N SER B 100 14.44 -6.52 -15.82
CA SER B 100 13.31 -7.03 -16.59
C SER B 100 13.78 -7.51 -17.97
N MET B 101 15.10 -7.52 -18.19
CA MET B 101 15.75 -7.63 -19.51
C MET B 101 15.73 -6.30 -20.26
N ARG B 102 14.53 -5.80 -20.50
CA ARG B 102 14.32 -4.40 -20.85
C ARG B 102 12.99 -4.00 -20.24
N CYS B 103 12.71 -2.70 -20.17
CA CYS B 103 11.35 -2.26 -19.86
C CYS B 103 10.43 -2.62 -21.01
N TRP B 104 9.38 -3.39 -20.72
CA TRP B 104 8.51 -3.89 -21.77
C TRP B 104 7.29 -3.03 -22.02
N TYR B 105 7.18 -1.92 -21.28
CA TYR B 105 6.01 -1.07 -21.41
C TYR B 105 6.23 0.09 -22.34
N ASP B 106 5.23 0.35 -23.19
CA ASP B 106 5.24 1.54 -24.03
C ASP B 106 4.69 2.72 -23.23
N LYS B 107 4.55 3.87 -23.86
CA LYS B 107 4.14 5.07 -23.13
C LYS B 107 2.68 5.02 -22.61
N ASP B 108 1.88 4.11 -23.16
CA ASP B 108 0.51 3.90 -22.73
C ASP B 108 0.37 2.73 -21.76
N GLY B 109 1.50 2.16 -21.34
CA GLY B 109 1.51 1.08 -20.36
C GLY B 109 1.24 -0.30 -20.93
N ARG B 110 1.29 -0.41 -22.26
N ARG B 110 1.31 -0.42 -22.26
CA ARG B 110 1.08 -1.68 -22.95
CA ARG B 110 1.09 -1.70 -22.91
C ARG B 110 2.39 -2.39 -23.24
C ARG B 110 2.38 -2.40 -23.28
N LEU B 111 2.37 -3.71 -23.25
CA LEU B 111 3.54 -4.51 -23.58
C LEU B 111 3.96 -4.30 -25.03
N LEU B 112 5.25 -4.16 -25.25
CA LEU B 112 5.80 -4.01 -26.59
C LEU B 112 5.46 -5.27 -27.40
N PRO B 113 5.27 -5.13 -28.73
CA PRO B 113 4.98 -6.30 -29.55
C PRO B 113 6.04 -7.42 -29.45
N GLU B 114 7.28 -7.05 -29.14
CA GLU B 114 8.40 -7.99 -28.98
C GLU B 114 8.34 -8.82 -27.69
N PHE B 115 7.47 -8.43 -26.76
CA PHE B 115 7.30 -9.18 -25.52
C PHE B 115 6.90 -10.62 -25.86
N ASN B 116 7.63 -11.57 -25.31
CA ASN B 116 7.40 -12.99 -25.58
C ASN B 116 6.26 -13.53 -24.73
N MET B 117 5.06 -13.56 -25.29
CA MET B 117 3.91 -14.01 -24.51
C MET B 117 3.81 -15.52 -24.33
N ALA B 118 4.58 -16.26 -25.14
CA ALA B 118 4.68 -17.71 -25.00
C ALA B 118 5.61 -18.09 -23.85
N GLU B 119 6.61 -17.25 -23.60
CA GLU B 119 7.57 -17.46 -22.52
C GLU B 119 7.93 -16.11 -21.86
N PRO B 120 6.98 -15.53 -21.09
CA PRO B 120 7.14 -14.19 -20.54
C PRO B 120 8.33 -14.05 -19.59
N PRO B 121 9.10 -12.97 -19.74
CA PRO B 121 10.17 -12.66 -18.78
C PRO B 121 9.57 -12.19 -17.45
N LEU B 122 10.35 -12.24 -16.39
CA LEU B 122 9.99 -11.58 -15.13
C LEU B 122 9.99 -10.06 -15.32
N ILE B 123 8.95 -9.39 -14.85
CA ILE B 123 8.89 -7.94 -14.89
C ILE B 123 9.19 -7.36 -13.51
N PHE B 124 10.17 -6.46 -13.46
CA PHE B 124 10.49 -5.69 -12.26
C PHE B 124 10.07 -4.26 -12.50
N GLU B 125 8.99 -3.85 -11.85
CA GLU B 125 8.56 -2.45 -11.93
C GLU B 125 9.35 -1.57 -11.00
N CYS B 126 9.30 -0.26 -11.25
CA CYS B 126 9.94 0.65 -10.31
C CYS B 126 9.26 0.57 -8.95
N ASN B 127 10.01 0.94 -7.92
CA ASN B 127 9.53 0.84 -6.56
C ASN B 127 9.82 2.12 -5.76
N HIS B 128 9.48 2.08 -4.48
CA HIS B 128 9.56 3.24 -3.61
C HIS B 128 11.01 3.59 -3.23
N ALA B 129 11.96 2.72 -3.56
CA ALA B 129 13.38 3.03 -3.37
C ALA B 129 13.99 3.74 -4.60
N CYS B 130 13.35 3.61 -5.77
CA CYS B 130 13.86 4.26 -7.00
C CYS B 130 13.83 5.78 -6.90
N SER B 131 14.71 6.44 -7.65
N SER B 131 14.72 6.44 -7.63
CA SER B 131 14.81 7.90 -7.64
CA SER B 131 14.79 7.90 -7.63
C SER B 131 13.79 8.60 -8.55
C SER B 131 13.67 8.56 -8.42
N CYS B 132 13.07 7.81 -9.35
CA CYS B 132 12.10 8.34 -10.30
C CYS B 132 10.79 8.70 -9.64
N TRP B 133 9.94 9.36 -10.41
CA TRP B 133 8.64 9.83 -9.93
C TRP B 133 7.61 8.73 -10.08
N ARG B 134 6.52 8.87 -9.33
CA ARG B 134 5.49 7.86 -9.29
C ARG B 134 4.78 7.63 -10.64
N ASN B 135 5.00 8.54 -11.58
CA ASN B 135 4.39 8.44 -12.91
C ASN B 135 5.37 8.00 -13.99
N CYS B 136 6.49 7.40 -13.60
CA CYS B 136 7.48 6.98 -14.60
C CYS B 136 6.94 5.86 -15.52
N ARG B 137 7.68 5.56 -16.60
CA ARG B 137 7.24 4.59 -17.61
C ARG B 137 7.05 3.18 -17.05
N ASN B 138 7.87 2.82 -16.06
CA ASN B 138 7.97 1.45 -15.63
C ASN B 138 7.09 1.12 -14.42
N ARG B 139 5.84 1.58 -14.50
CA ARG B 139 4.85 1.35 -13.45
C ARG B 139 3.49 1.15 -14.12
N VAL B 140 2.97 -0.07 -14.03
CA VAL B 140 1.70 -0.43 -14.68
C VAL B 140 0.85 -1.27 -13.74
N VAL B 141 1.35 -2.44 -13.38
CA VAL B 141 0.61 -3.35 -12.52
C VAL B 141 0.36 -2.73 -11.14
N GLN B 142 1.30 -1.91 -10.66
CA GLN B 142 1.16 -1.28 -9.35
C GLN B 142 0.07 -0.23 -9.30
N ASN B 143 -0.48 0.12 -10.45
CA ASN B 143 -1.52 1.12 -10.49
C ASN B 143 -2.91 0.49 -10.38
N GLY B 144 -2.94 -0.84 -10.41
CA GLY B 144 -4.14 -1.60 -10.10
C GLY B 144 -5.09 -1.76 -11.25
N LEU B 145 -6.19 -2.46 -10.95
CA LEU B 145 -7.24 -2.70 -11.94
C LEU B 145 -7.81 -1.38 -12.43
N ARG B 146 -7.81 -1.21 -13.76
CA ARG B 146 -8.41 -0.04 -14.44
C ARG B 146 -9.52 -0.38 -15.44
N ALA B 147 -9.43 -1.56 -16.08
CA ALA B 147 -10.41 -2.04 -17.05
C ALA B 147 -11.81 -2.15 -16.45
N ARG B 148 -12.82 -2.04 -17.31
CA ARG B 148 -14.20 -2.13 -16.89
C ARG B 148 -14.63 -3.57 -17.04
N LEU B 149 -14.64 -4.28 -15.91
CA LEU B 149 -14.98 -5.70 -15.87
C LEU B 149 -16.33 -5.93 -15.23
N GLN B 150 -16.87 -7.12 -15.46
CA GLN B 150 -18.18 -7.48 -14.93
C GLN B 150 -18.19 -8.96 -14.57
N LEU B 151 -18.73 -9.28 -13.39
CA LEU B 151 -18.98 -10.65 -13.00
C LEU B 151 -20.36 -11.02 -13.57
N TYR B 152 -20.47 -12.15 -14.27
CA TYR B 152 -21.75 -12.52 -14.88
C TYR B 152 -21.97 -14.02 -14.82
N ARG B 153 -23.24 -14.40 -14.94
CA ARG B 153 -23.60 -15.81 -14.89
C ARG B 153 -23.51 -16.37 -16.30
N THR B 154 -22.64 -17.36 -16.50
CA THR B 154 -22.52 -18.02 -17.79
C THR B 154 -23.58 -19.10 -17.87
N ARG B 155 -23.78 -19.64 -19.08
CA ARG B 155 -24.74 -20.73 -19.30
C ARG B 155 -24.19 -22.09 -18.82
N ASP B 156 -22.88 -22.31 -19.00
CA ASP B 156 -22.26 -23.64 -18.92
C ASP B 156 -21.14 -23.81 -17.88
N MET B 157 -20.63 -22.70 -17.35
CA MET B 157 -19.43 -22.75 -16.50
C MET B 157 -19.54 -21.86 -15.28
N GLY B 158 -20.70 -21.84 -14.63
CA GLY B 158 -20.90 -21.04 -13.42
C GLY B 158 -20.74 -19.56 -13.70
N TRP B 159 -20.09 -18.86 -12.78
CA TRP B 159 -19.85 -17.44 -12.98
C TRP B 159 -18.57 -17.26 -13.79
N GLY B 160 -18.50 -16.18 -14.55
CA GLY B 160 -17.29 -15.82 -15.29
C GLY B 160 -17.14 -14.31 -15.28
N VAL B 161 -16.07 -13.83 -15.91
CA VAL B 161 -15.78 -12.40 -15.93
C VAL B 161 -15.72 -11.96 -17.39
N ARG B 162 -16.39 -10.85 -17.71
CA ARG B 162 -16.25 -10.25 -19.03
C ARG B 162 -15.70 -8.84 -18.97
N SER B 163 -15.19 -8.39 -20.11
CA SER B 163 -14.85 -6.99 -20.28
C SER B 163 -16.05 -6.25 -20.84
N LEU B 164 -16.31 -5.06 -20.31
CA LEU B 164 -17.39 -4.19 -20.82
C LEU B 164 -16.90 -3.20 -21.85
N GLN B 165 -15.58 -3.18 -22.08
CA GLN B 165 -15.01 -2.29 -23.08
C GLN B 165 -13.95 -3.03 -23.91
N ASP B 166 -13.58 -2.47 -25.06
CA ASP B 166 -12.47 -3.03 -25.82
C ASP B 166 -11.20 -2.89 -25.00
N ILE B 167 -10.39 -3.94 -25.01
CA ILE B 167 -9.07 -3.91 -24.36
C ILE B 167 -8.03 -4.20 -25.43
N PRO B 168 -7.18 -3.21 -25.76
CA PRO B 168 -6.11 -3.45 -26.73
C PRO B 168 -5.13 -4.55 -26.32
N PRO B 169 -4.42 -5.14 -27.29
CA PRO B 169 -3.44 -6.18 -26.96
C PRO B 169 -2.35 -5.64 -26.03
N GLY B 170 -1.88 -6.50 -25.13
CA GLY B 170 -0.76 -6.17 -24.25
C GLY B 170 -1.11 -5.27 -23.08
N THR B 171 -2.40 -5.20 -22.75
CA THR B 171 -2.87 -4.35 -21.66
C THR B 171 -2.95 -5.13 -20.36
N PHE B 172 -2.54 -4.52 -19.25
CA PHE B 172 -2.74 -5.14 -17.94
C PHE B 172 -4.24 -5.16 -17.64
N VAL B 173 -4.76 -6.34 -17.33
CA VAL B 173 -6.19 -6.45 -17.01
C VAL B 173 -6.48 -6.56 -15.51
N CYS B 174 -5.88 -7.54 -14.84
CA CYS B 174 -6.09 -7.72 -13.41
C CYS B 174 -5.03 -8.67 -12.87
N GLU B 175 -4.92 -8.72 -11.55
CA GLU B 175 -3.97 -9.57 -10.84
C GLU B 175 -4.71 -10.75 -10.21
N TYR B 176 -4.03 -11.90 -10.12
CA TYR B 176 -4.60 -13.03 -9.39
C TYR B 176 -4.30 -12.83 -7.92
N VAL B 177 -5.31 -12.39 -7.18
CA VAL B 177 -5.16 -12.02 -5.77
C VAL B 177 -5.80 -13.07 -4.87
N GLY B 178 -5.16 -13.34 -3.72
CA GLY B 178 -5.73 -14.26 -2.77
C GLY B 178 -4.87 -14.41 -1.55
N GLU B 179 -5.00 -15.58 -0.94
CA GLU B 179 -4.27 -15.92 0.28
C GLU B 179 -2.99 -16.65 -0.09
N LEU B 180 -1.84 -16.08 0.28
CA LEU B 180 -0.53 -16.69 0.01
C LEU B 180 -0.28 -17.80 1.01
N ILE B 181 -0.04 -19.02 0.50
CA ILE B 181 0.17 -20.20 1.33
C ILE B 181 1.35 -21.02 0.79
N SER B 182 1.85 -21.95 1.61
CA SER B 182 2.91 -22.85 1.14
C SER B 182 2.38 -23.94 0.21
N ASP B 183 3.28 -24.49 -0.59
CA ASP B 183 3.02 -25.69 -1.39
C ASP B 183 2.45 -26.83 -0.52
N SER B 184 3.01 -27.01 0.67
CA SER B 184 2.54 -28.01 1.64
C SER B 184 1.07 -27.79 2.04
N GLU B 185 0.73 -26.56 2.39
CA GLU B 185 -0.63 -26.21 2.76
C GLU B 185 -1.58 -26.36 1.57
N ALA B 186 -1.14 -25.92 0.39
CA ALA B 186 -1.96 -26.06 -0.81
C ALA B 186 -2.32 -27.51 -1.09
N ASP B 187 -1.43 -28.42 -0.71
CA ASP B 187 -1.61 -29.84 -1.04
C ASP B 187 -2.69 -30.51 -0.18
N VAL B 188 -3.14 -29.82 0.87
CA VAL B 188 -4.21 -30.36 1.72
C VAL B 188 -5.49 -29.51 1.71
N ARG B 189 -5.54 -28.51 0.82
CA ARG B 189 -6.76 -27.71 0.56
C ARG B 189 -7.72 -28.48 -0.37
N GLU B 190 -8.70 -29.19 0.21
CA GLU B 190 -9.64 -30.00 -0.57
C GLU B 190 -10.50 -29.20 -1.58
N GLU B 191 -10.81 -27.95 -1.23
CA GLU B 191 -11.41 -27.07 -2.21
C GLU B 191 -10.26 -26.46 -3.00
N ASP B 192 -9.90 -27.13 -4.09
CA ASP B 192 -8.66 -26.81 -4.82
C ASP B 192 -8.87 -26.01 -6.11
N SER B 193 -10.10 -25.58 -6.39
CA SER B 193 -10.42 -24.99 -7.69
C SER B 193 -9.81 -23.59 -7.94
N TYR B 194 -9.28 -22.97 -6.88
CA TYR B 194 -8.79 -21.58 -6.95
C TYR B 194 -7.31 -21.43 -6.61
N LEU B 195 -6.58 -22.56 -6.50
CA LEU B 195 -5.13 -22.53 -6.24
C LEU B 195 -4.31 -22.15 -7.46
N PHE B 196 -3.30 -21.31 -7.24
CA PHE B 196 -2.40 -20.88 -8.32
C PHE B 196 -0.95 -20.98 -7.84
N ASP B 197 -0.20 -21.91 -8.43
CA ASP B 197 1.21 -22.08 -8.05
C ASP B 197 2.06 -20.93 -8.58
N LEU B 198 2.87 -20.35 -7.71
CA LEU B 198 3.76 -19.26 -8.11
C LEU B 198 5.03 -19.73 -8.81
N ASP B 199 5.36 -21.01 -8.68
CA ASP B 199 6.58 -21.55 -9.28
C ASP B 199 6.35 -23.02 -9.52
N ASN B 200 6.96 -23.52 -10.59
CA ASN B 200 6.70 -24.90 -11.03
C ASN B 200 7.78 -25.90 -10.63
N LYS B 201 8.78 -25.43 -9.90
CA LYS B 201 9.88 -26.29 -9.46
C LYS B 201 9.55 -27.07 -8.17
N ASP B 202 10.42 -28.01 -7.84
CA ASP B 202 10.42 -28.69 -6.54
C ASP B 202 10.96 -27.71 -5.50
N GLY B 203 10.60 -27.94 -4.24
CA GLY B 203 11.28 -27.25 -3.15
C GLY B 203 10.49 -26.17 -2.45
N GLU B 204 11.15 -25.05 -2.17
CA GLU B 204 10.49 -23.96 -1.46
C GLU B 204 9.67 -23.13 -2.42
N VAL B 205 8.39 -23.47 -2.52
CA VAL B 205 7.49 -22.80 -3.43
C VAL B 205 6.15 -22.47 -2.75
N TYR B 206 5.48 -21.46 -3.30
CA TYR B 206 4.28 -20.90 -2.68
C TYR B 206 3.16 -20.83 -3.68
N CYS B 207 1.98 -20.54 -3.16
N CYS B 207 1.97 -20.57 -3.16
CA CYS B 207 0.72 -20.70 -3.90
CA CYS B 207 0.76 -20.56 -3.97
C CYS B 207 -0.29 -19.64 -3.45
C CYS B 207 -0.13 -19.46 -3.51
N ILE B 208 -1.06 -19.10 -4.38
CA ILE B 208 -2.18 -18.23 -4.01
C ILE B 208 -3.45 -19.05 -4.05
N ASP B 209 -4.15 -19.10 -2.91
CA ASP B 209 -5.48 -19.69 -2.88
C ASP B 209 -6.52 -18.59 -2.86
N ALA B 210 -7.30 -18.50 -3.92
CA ALA B 210 -8.33 -17.47 -3.98
C ALA B 210 -9.68 -18.00 -3.52
N ARG B 211 -9.73 -19.17 -2.89
CA ARG B 211 -11.01 -19.72 -2.45
C ARG B 211 -11.72 -18.88 -1.40
N PHE B 212 -11.03 -18.53 -0.31
CA PHE B 212 -11.66 -17.86 0.81
C PHE B 212 -11.52 -16.35 0.75
N TYR B 213 -10.37 -15.90 0.25
CA TYR B 213 -10.09 -14.49 0.04
C TYR B 213 -9.58 -14.36 -1.39
N GLY B 214 -10.22 -13.53 -2.18
CA GLY B 214 -9.81 -13.40 -3.57
C GLY B 214 -10.38 -12.15 -4.20
N ASN B 215 -9.87 -11.79 -5.37
CA ASN B 215 -10.48 -10.69 -6.14
C ASN B 215 -11.23 -11.21 -7.35
N VAL B 216 -11.51 -10.31 -8.28
CA VAL B 216 -12.31 -10.66 -9.46
C VAL B 216 -11.69 -11.82 -10.27
N SER B 217 -10.37 -11.97 -10.20
CA SER B 217 -9.69 -12.98 -11.02
C SER B 217 -10.05 -14.40 -10.63
N ARG B 218 -10.57 -14.60 -9.42
CA ARG B 218 -10.93 -15.95 -8.99
C ARG B 218 -12.05 -16.50 -9.87
N PHE B 219 -12.79 -15.62 -10.55
CA PHE B 219 -13.90 -16.02 -11.38
C PHE B 219 -13.56 -16.18 -12.86
N ILE B 220 -12.29 -15.97 -13.26
CA ILE B 220 -11.93 -16.10 -14.67
C ILE B 220 -11.86 -17.59 -15.02
N ASN B 221 -12.66 -17.99 -16.00
CA ASN B 221 -12.70 -19.37 -16.47
C ASN B 221 -11.51 -19.73 -17.36
N HIS B 222 -11.26 -21.02 -17.48
CA HIS B 222 -10.20 -21.53 -18.33
C HIS B 222 -10.61 -21.46 -19.80
N HIS B 223 -9.67 -21.08 -20.66
CA HIS B 223 -9.91 -21.16 -22.11
C HIS B 223 -8.65 -21.72 -22.76
N CYS B 224 -8.86 -22.63 -23.70
CA CYS B 224 -7.74 -23.30 -24.39
C CYS B 224 -7.01 -22.43 -25.43
N GLU B 225 -7.66 -21.35 -25.88
CA GLU B 225 -7.04 -20.35 -26.76
C GLU B 225 -7.26 -18.98 -26.12
N PRO B 226 -6.54 -18.73 -25.02
CA PRO B 226 -6.92 -17.66 -24.10
C PRO B 226 -6.62 -16.23 -24.56
N ASN B 227 -7.45 -15.30 -24.09
CA ASN B 227 -7.20 -13.89 -24.34
C ASN B 227 -6.38 -13.18 -23.25
N LEU B 228 -6.03 -13.94 -22.19
CA LEU B 228 -5.11 -13.45 -21.13
C LEU B 228 -3.94 -14.39 -20.95
N VAL B 229 -2.79 -13.83 -20.59
CA VAL B 229 -1.62 -14.61 -20.20
C VAL B 229 -1.14 -14.09 -18.84
N PRO B 230 -0.84 -15.01 -17.89
CA PRO B 230 -0.25 -14.58 -16.62
C PRO B 230 1.24 -14.31 -16.75
N VAL B 231 1.66 -13.22 -16.12
CA VAL B 231 3.03 -12.75 -16.10
C VAL B 231 3.44 -12.53 -14.64
N ARG B 232 4.65 -12.97 -14.30
CA ARG B 232 5.19 -12.77 -12.94
C ARG B 232 5.82 -11.37 -12.83
N VAL B 233 5.37 -10.62 -11.82
CA VAL B 233 5.75 -9.22 -11.62
C VAL B 233 6.22 -8.95 -10.19
N PHE B 234 7.24 -8.09 -10.07
CA PHE B 234 7.75 -7.60 -8.80
C PHE B 234 7.58 -6.11 -8.72
N MET B 235 7.10 -5.67 -7.57
CA MET B 235 6.82 -4.26 -7.34
C MET B 235 7.44 -3.81 -6.00
N ALA B 236 6.71 -3.87 -4.91
CA ALA B 236 7.22 -3.35 -3.63
C ALA B 236 8.34 -4.17 -2.97
N HIS B 237 8.44 -5.45 -3.32
CA HIS B 237 9.55 -6.29 -2.90
C HIS B 237 10.05 -7.08 -4.09
N GLN B 238 11.22 -7.69 -3.97
CA GLN B 238 11.81 -8.47 -5.04
C GLN B 238 12.21 -9.86 -4.54
N ASP B 239 11.38 -10.38 -3.63
CA ASP B 239 11.55 -11.75 -3.13
C ASP B 239 11.04 -12.72 -4.20
N LEU B 240 11.96 -13.44 -4.83
CA LEU B 240 11.63 -14.28 -5.98
C LEU B 240 10.72 -15.46 -5.65
N ARG B 241 10.57 -15.80 -4.37
CA ARG B 241 9.58 -16.80 -3.96
C ARG B 241 8.14 -16.33 -4.11
N PHE B 242 7.94 -15.01 -4.20
CA PHE B 242 6.61 -14.41 -4.15
C PHE B 242 6.35 -13.45 -5.29
N PRO B 243 6.38 -13.95 -6.53
CA PRO B 243 5.96 -13.13 -7.64
C PRO B 243 4.46 -12.83 -7.49
N ARG B 244 4.03 -11.71 -8.06
CA ARG B 244 2.60 -11.43 -8.18
C ARG B 244 2.19 -11.77 -9.60
N ILE B 245 0.95 -12.24 -9.75
CA ILE B 245 0.50 -12.80 -11.03
C ILE B 245 -0.39 -11.77 -11.72
N ALA B 246 0.12 -11.20 -12.81
CA ALA B 246 -0.60 -10.19 -13.57
C ALA B 246 -1.08 -10.75 -14.89
N PHE B 247 -2.37 -10.58 -15.19
CA PHE B 247 -2.93 -10.99 -16.49
C PHE B 247 -2.87 -9.86 -17.48
N PHE B 248 -2.23 -10.13 -18.62
CA PHE B 248 -2.19 -9.18 -19.74
C PHE B 248 -2.97 -9.72 -20.92
N SER B 249 -3.64 -8.86 -21.69
CA SER B 249 -4.35 -9.31 -22.88
C SER B 249 -3.37 -9.78 -23.96
N THR B 250 -3.73 -10.87 -24.63
CA THR B 250 -2.87 -11.47 -25.66
C THR B 250 -3.24 -11.00 -27.06
N ARG B 251 -4.36 -10.29 -27.13
CA ARG B 251 -4.96 -9.80 -28.37
C ARG B 251 -6.00 -8.74 -28.00
N LEU B 252 -6.60 -8.10 -28.99
CA LEU B 252 -7.71 -7.21 -28.74
C LEU B 252 -8.84 -8.03 -28.14
N ILE B 253 -9.34 -7.59 -27.00
CA ILE B 253 -10.50 -8.21 -26.37
C ILE B 253 -11.66 -7.26 -26.62
N GLU B 254 -12.69 -7.75 -27.31
CA GLU B 254 -13.83 -6.90 -27.65
C GLU B 254 -14.79 -6.69 -26.47
N ALA B 255 -15.41 -5.53 -26.41
CA ALA B 255 -16.45 -5.27 -25.40
C ALA B 255 -17.45 -6.42 -25.43
N GLY B 256 -17.76 -6.94 -24.24
CA GLY B 256 -18.68 -8.08 -24.09
C GLY B 256 -18.02 -9.43 -23.95
N GLU B 257 -16.76 -9.55 -24.39
CA GLU B 257 -16.09 -10.83 -24.42
C GLU B 257 -15.72 -11.34 -23.03
N GLN B 258 -15.92 -12.64 -22.81
CA GLN B 258 -15.47 -13.28 -21.58
C GLN B 258 -13.93 -13.36 -21.55
N LEU B 259 -13.36 -13.05 -20.37
CA LEU B 259 -11.93 -13.26 -20.10
C LEU B 259 -11.62 -14.74 -19.86
N GLY B 260 -10.46 -15.18 -20.32
CA GLY B 260 -10.00 -16.55 -20.12
C GLY B 260 -8.50 -16.64 -20.11
N PHE B 261 -7.95 -17.54 -19.30
CA PHE B 261 -6.55 -17.86 -19.40
C PHE B 261 -6.39 -19.38 -19.35
N ASP B 262 -5.21 -19.87 -19.69
CA ASP B 262 -4.92 -21.31 -19.67
C ASP B 262 -4.53 -21.70 -18.25
N TYR B 263 -5.41 -22.41 -17.55
CA TYR B 263 -5.09 -22.86 -16.17
C TYR B 263 -3.88 -23.78 -16.15
N GLY B 264 -3.64 -24.47 -17.26
CA GLY B 264 -2.48 -25.37 -17.37
C GLY B 264 -2.74 -26.81 -16.98
N GLU B 265 -1.72 -27.64 -17.20
CA GLU B 265 -1.83 -29.08 -17.01
C GLU B 265 -1.91 -29.54 -15.56
N ARG B 266 -1.30 -28.78 -14.65
CA ARG B 266 -1.37 -29.13 -13.23
C ARG B 266 -2.77 -28.96 -12.65
N PHE B 267 -3.63 -28.28 -13.40
CA PHE B 267 -5.03 -28.16 -13.05
C PHE B 267 -5.81 -29.33 -13.67
N TRP B 268 -5.69 -29.46 -14.99
CA TRP B 268 -6.48 -30.42 -15.76
C TRP B 268 -6.11 -31.88 -15.52
N ASP B 269 -4.86 -32.14 -15.12
CA ASP B 269 -4.49 -33.52 -14.82
C ASP B 269 -5.22 -34.06 -13.59
N ILE B 270 -5.73 -33.14 -12.77
CA ILE B 270 -6.57 -33.48 -11.61
C ILE B 270 -8.04 -33.36 -11.98
N LYS B 271 -8.45 -32.19 -12.46
CA LYS B 271 -9.87 -31.88 -12.64
C LYS B 271 -10.48 -32.56 -13.85
N GLY B 272 -9.63 -32.87 -14.83
CA GLY B 272 -10.04 -33.58 -16.05
C GLY B 272 -10.66 -34.93 -15.77
N LYS B 273 -10.46 -35.44 -14.56
CA LYS B 273 -11.02 -36.73 -14.17
C LYS B 273 -12.43 -36.58 -13.61
N LEU B 274 -12.82 -35.34 -13.35
CA LEU B 274 -14.13 -35.03 -12.78
C LEU B 274 -15.07 -34.42 -13.83
N PHE B 275 -14.50 -33.61 -14.72
CA PHE B 275 -15.27 -32.94 -15.77
C PHE B 275 -14.36 -32.54 -16.93
N SER B 276 -14.96 -32.29 -18.08
CA SER B 276 -14.18 -31.89 -19.25
C SER B 276 -14.31 -30.39 -19.49
N CYS B 277 -13.41 -29.85 -20.32
CA CYS B 277 -13.41 -28.44 -20.65
C CYS B 277 -14.60 -28.04 -21.52
N ARG B 278 -15.25 -26.93 -21.16
CA ARG B 278 -16.39 -26.41 -21.90
C ARG B 278 -16.06 -25.07 -22.58
N CYS B 279 -14.77 -24.79 -22.80
CA CYS B 279 -14.36 -23.52 -23.39
C CYS B 279 -14.91 -23.32 -24.81
N GLY B 280 -15.12 -24.42 -25.54
CA GLY B 280 -15.78 -24.37 -26.85
C GLY B 280 -14.85 -24.10 -28.02
N SER B 281 -13.55 -23.96 -27.73
CA SER B 281 -12.58 -23.73 -28.80
C SER B 281 -12.53 -24.95 -29.71
N PRO B 282 -12.49 -24.72 -31.04
CA PRO B 282 -12.23 -25.87 -31.91
C PRO B 282 -10.89 -26.54 -31.58
N LYS B 283 -9.97 -25.77 -31.00
CA LYS B 283 -8.65 -26.27 -30.60
C LYS B 283 -8.59 -26.73 -29.13
N CYS B 284 -9.76 -26.94 -28.52
CA CYS B 284 -9.84 -27.38 -27.11
C CYS B 284 -8.96 -28.60 -26.86
N ARG B 285 -8.15 -28.55 -25.81
CA ARG B 285 -7.19 -29.61 -25.51
C ARG B 285 -7.60 -30.46 -24.31
N HIS B 286 -8.73 -30.13 -23.70
CA HIS B 286 -9.15 -30.76 -22.44
C HIS B 286 -10.60 -31.22 -22.47
N SER B 287 -11.12 -31.43 -23.68
CA SER B 287 -12.50 -31.87 -23.85
C SER B 287 -12.58 -33.39 -23.77
N LYS C 4 16.32 6.57 28.70
CA LYS C 4 16.93 5.91 27.50
C LYS C 4 18.17 6.68 27.08
N GLN C 5 18.96 6.11 26.17
CA GLN C 5 20.21 6.72 25.71
C GLN C 5 20.00 7.77 24.64
N THR C 6 18.91 7.63 23.90
CA THR C 6 18.61 8.50 22.78
C THR C 6 17.29 9.24 23.02
N ALA C 7 17.17 10.41 22.41
CA ALA C 7 15.92 11.17 22.44
C ALA C 7 14.84 10.42 21.65
N ARG C 8 13.60 10.49 22.14
CA ARG C 8 12.45 9.88 21.47
C ARG C 8 11.27 10.83 21.55
N SER C 10 7.17 11.14 21.42
CA SER C 10 6.19 10.22 21.98
C SER C 10 4.76 10.77 21.93
N THR C 11 3.79 9.87 22.07
CA THR C 11 2.37 10.22 22.20
C THR C 11 2.05 10.46 23.67
N ALA D 1 7.73 -29.87 -14.02
CA ALA D 1 6.47 -29.55 -13.28
C ALA D 1 5.63 -30.81 -13.00
N ARG D 2 5.44 -31.12 -11.72
CA ARG D 2 4.72 -32.33 -11.30
C ARG D 2 3.26 -32.05 -10.96
N THR D 3 2.40 -33.04 -11.17
CA THR D 3 1.06 -33.01 -10.62
C THR D 3 1.16 -33.24 -9.11
N LYS D 4 0.41 -32.46 -8.35
CA LYS D 4 0.45 -32.58 -6.92
C LYS D 4 -0.79 -33.29 -6.43
N GLN D 5 -1.09 -33.22 -5.15
CA GLN D 5 -2.28 -33.87 -4.63
C GLN D 5 -3.54 -33.08 -4.92
N THR D 6 -3.39 -31.77 -5.06
CA THR D 6 -4.51 -30.87 -5.38
C THR D 6 -4.26 -30.20 -6.73
N ALA D 7 -5.34 -29.79 -7.40
CA ALA D 7 -5.25 -29.06 -8.68
C ALA D 7 -4.59 -27.72 -8.45
N ARG D 8 -3.71 -27.32 -9.36
CA ARG D 8 -3.07 -26.01 -9.29
C ARG D 8 -3.10 -25.37 -10.66
N SER D 10 -1.27 -22.63 -13.02
CA SER D 10 0.15 -22.31 -13.10
C SER D 10 0.44 -21.50 -14.34
N THR D 11 1.65 -20.95 -14.41
CA THR D 11 2.13 -20.38 -15.65
C THR D 11 2.69 -21.53 -16.50
#